data_4LLT
#
_entry.id   4LLT
#
_cell.length_a   50.899
_cell.length_b   83.117
_cell.length_c   71.332
_cell.angle_alpha   90.00
_cell.angle_beta   108.95
_cell.angle_gamma   90.00
#
_symmetry.space_group_name_H-M   'P 1 21 1'
#
loop_
_entity.id
_entity.type
_entity.pdbx_description
1 polymer Geranyltranstransferase
2 non-polymer '3-METHYLBUT-3-ENYL TRIHYDROGEN DIPHOSPHATE'
3 non-polymer 'CALCIUM ION'
4 water water
#
_entity_poly.entity_id   1
_entity_poly.type   'polypeptide(L)'
_entity_poly.pdbx_seq_one_letter_code
;MHHHHHHSSGVDLGTENLYFQSMFTQRLDAAAAAVQAHFDKVLAAFEPLPIVEAMAHATSGGKRLRGFLVLETARLHDIA
AGEAIWSATAIEALHAYSLVHDDLPCMDNDDMRRGQPTVHKKWDDATAVLAGDALQTLAFELVTHPGASASAEVRADLAL
SLARASGAQGMVLGQALDIAAETARAPLSLDEITRLQQGKTGALIGWSAQAGARLAQADTAALKRYAQALGLAFQIADDI
LDVTGDSAQVGKAVGKDASAGKATFVSLLGLDAARARAMSLIDEACDSLATYGAKADTLRETARFVVRRTH
;
_entity_poly.pdbx_strand_id   A,B
#
loop_
_chem_comp.id
_chem_comp.type
_chem_comp.name
_chem_comp.formula
CA non-polymer 'CALCIUM ION' 'Ca 2'
IPE non-polymer '3-METHYLBUT-3-ENYL TRIHYDROGEN DIPHOSPHATE' 'C5 H12 O7 P2'
#
# COMPACT_ATOMS: atom_id res chain seq x y z
N ASP A 12 11.44 -31.43 -9.44
CA ASP A 12 12.51 -31.01 -10.38
C ASP A 12 11.99 -29.91 -11.33
N LEU A 13 12.63 -28.75 -11.29
CA LEU A 13 12.26 -27.64 -12.18
C LEU A 13 13.00 -27.67 -13.51
N GLY A 14 13.88 -28.66 -13.72
CA GLY A 14 14.62 -28.79 -14.99
C GLY A 14 15.64 -27.68 -15.22
N THR A 15 16.02 -27.01 -14.13
CA THR A 15 16.95 -25.91 -14.20
C THR A 15 18.34 -26.35 -14.64
N GLU A 16 18.86 -27.43 -14.06
CA GLU A 16 20.19 -27.92 -14.45
C GLU A 16 20.33 -28.11 -15.95
N ASN A 17 19.24 -28.60 -16.54
CA ASN A 17 19.25 -28.92 -17.98
C ASN A 17 19.42 -27.70 -18.84
N LEU A 18 19.23 -26.51 -18.26
CA LEU A 18 19.33 -25.28 -19.05
C LEU A 18 20.70 -24.63 -19.03
N TYR A 19 21.61 -25.09 -18.16
CA TYR A 19 23.00 -24.62 -18.16
C TYR A 19 23.08 -23.09 -18.08
N PHE A 20 22.40 -22.52 -17.08
CA PHE A 20 22.62 -21.11 -16.82
C PHE A 20 24.03 -20.89 -16.31
N GLN A 21 24.59 -19.72 -16.58
CA GLN A 21 25.95 -19.40 -16.20
C GLN A 21 26.11 -19.48 -14.68
N SER A 22 27.28 -19.94 -14.29
CA SER A 22 27.61 -20.19 -12.89
C SER A 22 27.39 -18.95 -11.98
N MET A 23 27.89 -17.83 -12.45
CA MET A 23 27.80 -16.58 -11.67
C MET A 23 26.35 -16.18 -11.51
N PHE A 24 25.59 -16.25 -12.59
CA PHE A 24 24.15 -15.95 -12.56
C PHE A 24 23.46 -16.86 -11.54
N THR A 25 23.72 -18.15 -11.60
CA THR A 25 23.06 -19.11 -10.73
C THR A 25 23.42 -18.79 -9.27
N GLN A 26 24.69 -18.59 -8.99
CA GLN A 26 25.16 -18.29 -7.64
C GLN A 26 24.54 -17.01 -7.12
N ARG A 27 24.52 -15.99 -7.96
CA ARG A 27 23.96 -14.67 -7.55
C ARG A 27 22.47 -14.73 -7.31
N LEU A 28 21.74 -15.46 -8.14
CA LEU A 28 20.29 -15.61 -7.96
C LEU A 28 20.00 -16.36 -6.65
N ASP A 29 20.76 -17.43 -6.39
CA ASP A 29 20.54 -18.20 -5.16
C ASP A 29 20.85 -17.32 -3.98
N ALA A 30 21.91 -16.54 -4.06
CA ALA A 30 22.31 -15.72 -2.89
C ALA A 30 21.24 -14.66 -2.66
N ALA A 31 20.67 -14.13 -3.75
CA ALA A 31 19.69 -13.04 -3.65
C ALA A 31 18.42 -13.58 -3.01
N ALA A 32 18.05 -14.80 -3.35
CA ALA A 32 16.83 -15.38 -2.79
C ALA A 32 17.02 -15.60 -1.31
N ALA A 33 18.20 -16.06 -0.93
CA ALA A 33 18.48 -16.29 0.48
C ALA A 33 18.54 -14.94 1.25
N ALA A 34 19.11 -13.92 0.62
CA ALA A 34 19.25 -12.61 1.28
C ALA A 34 17.89 -11.94 1.48
N VAL A 35 17.07 -11.99 0.46
CA VAL A 35 15.71 -11.44 0.56
C VAL A 35 14.90 -12.13 1.62
N GLN A 36 14.91 -13.47 1.67
CA GLN A 36 14.18 -14.19 2.67
C GLN A 36 14.70 -13.81 4.04
N ALA A 37 16.01 -13.72 4.20
CA ALA A 37 16.59 -13.35 5.52
C ALA A 37 16.11 -11.97 5.95
N HIS A 38 16.04 -11.04 5.02
CA HIS A 38 15.63 -9.67 5.36
C HIS A 38 14.15 -9.64 5.75
N PHE A 39 13.29 -10.36 5.04
CA PHE A 39 11.90 -10.49 5.44
C PHE A 39 11.81 -11.04 6.86
N ASP A 40 12.56 -12.09 7.10
CA ASP A 40 12.57 -12.71 8.43
C ASP A 40 12.90 -11.69 9.46
N LYS A 41 13.99 -10.96 9.28
CA LYS A 41 14.44 -9.95 10.25
C LYS A 41 13.41 -8.85 10.48
N VAL A 42 12.85 -8.32 9.41
CA VAL A 42 11.93 -7.22 9.57
C VAL A 42 10.62 -7.66 10.20
N LEU A 43 10.11 -8.82 9.83
CA LEU A 43 8.85 -9.28 10.31
C LEU A 43 8.96 -9.77 11.76
N ALA A 44 10.18 -10.12 12.20
CA ALA A 44 10.36 -10.54 13.60
C ALA A 44 9.95 -9.48 14.60
N ALA A 45 10.04 -8.22 14.18
CA ALA A 45 9.65 -7.11 15.06
C ALA A 45 8.13 -6.95 15.22
N PHE A 46 7.34 -7.68 14.45
CA PHE A 46 5.89 -7.55 14.49
C PHE A 46 5.25 -8.60 15.41
N GLU A 47 4.02 -8.35 15.85
CA GLU A 47 3.36 -9.26 16.80
C GLU A 47 2.89 -10.55 16.11
N PRO A 48 2.87 -11.67 16.85
CA PRO A 48 2.50 -12.96 16.28
C PRO A 48 0.99 -13.20 16.13
N LEU A 49 0.38 -12.46 15.21
CA LEU A 49 -1.02 -12.55 14.93
C LEU A 49 -1.18 -13.16 13.54
N PRO A 50 -2.37 -13.70 13.24
CA PRO A 50 -2.60 -14.33 11.95
C PRO A 50 -2.17 -13.43 10.78
N ILE A 51 -2.51 -12.13 10.83
CA ILE A 51 -2.16 -11.24 9.72
C ILE A 51 -0.66 -11.23 9.46
N VAL A 52 0.11 -11.25 10.51
CA VAL A 52 1.55 -11.23 10.38
C VAL A 52 2.10 -12.55 9.87
N GLU A 53 1.57 -13.65 10.39
CA GLU A 53 1.90 -14.95 9.83
C GLU A 53 1.56 -15.02 8.36
N ALA A 54 0.43 -14.43 7.95
CA ALA A 54 0.04 -14.38 6.54
C ALA A 54 0.96 -13.51 5.70
N MET A 55 1.47 -12.45 6.32
CA MET A 55 2.48 -11.62 5.62
C MET A 55 3.72 -12.45 5.34
N ALA A 56 4.18 -13.23 6.31
CA ALA A 56 5.33 -14.08 6.10
C ALA A 56 5.06 -15.13 5.03
N HIS A 57 3.90 -15.74 5.08
CA HIS A 57 3.49 -16.78 4.14
C HIS A 57 3.56 -16.27 2.73
N ALA A 58 3.00 -15.10 2.53
CA ALA A 58 2.89 -14.50 1.19
C ALA A 58 4.20 -14.04 0.63
N THR A 59 5.18 -13.77 1.48
CA THR A 59 6.47 -13.30 1.08
C THR A 59 7.51 -14.36 0.95
N SER A 60 7.20 -15.57 1.41
CA SER A 60 8.16 -16.65 1.31
C SER A 60 8.10 -17.25 -0.13
N GLY A 61 9.24 -17.69 -0.61
CA GLY A 61 9.29 -18.34 -1.90
C GLY A 61 9.29 -17.32 -3.04
N GLY A 62 9.03 -17.82 -4.22
CA GLY A 62 9.16 -17.01 -5.40
C GLY A 62 10.57 -17.08 -5.97
N LYS A 63 10.66 -16.77 -7.24
CA LYS A 63 11.95 -16.72 -7.91
C LYS A 63 12.82 -15.53 -7.49
N ARG A 64 12.20 -14.49 -6.93
CA ARG A 64 12.87 -13.26 -6.56
C ARG A 64 13.45 -12.50 -7.76
N LEU A 65 12.81 -12.63 -8.92
CA LEU A 65 13.29 -11.92 -10.08
C LEU A 65 13.38 -10.42 -9.83
N ARG A 66 12.38 -9.83 -9.20
CA ARG A 66 12.35 -8.37 -9.00
C ARG A 66 13.37 -7.92 -7.95
N GLY A 67 13.47 -8.65 -6.84
CA GLY A 67 14.51 -8.34 -5.89
C GLY A 67 15.90 -8.54 -6.44
N PHE A 68 16.04 -9.61 -7.22
CA PHE A 68 17.32 -9.86 -7.91
C PHE A 68 17.71 -8.72 -8.84
N LEU A 69 16.76 -8.21 -9.63
CA LEU A 69 17.05 -7.08 -10.46
C LEU A 69 17.58 -5.87 -9.70
N VAL A 70 16.97 -5.61 -8.55
CA VAL A 70 17.42 -4.50 -7.73
C VAL A 70 18.88 -4.73 -7.26
N LEU A 71 19.13 -5.94 -6.74
CA LEU A 71 20.47 -6.27 -6.24
C LEU A 71 21.54 -6.28 -7.32
N GLU A 72 21.19 -6.74 -8.50
CA GLU A 72 22.18 -6.79 -9.58
C GLU A 72 22.37 -5.48 -10.29
N THR A 73 21.32 -4.65 -10.39
CA THR A 73 21.52 -3.31 -10.93
C THR A 73 22.25 -2.41 -9.92
N ALA A 74 22.04 -2.64 -8.64
CA ALA A 74 22.86 -1.95 -7.64
C ALA A 74 24.34 -2.37 -7.76
N ARG A 75 24.59 -3.64 -7.96
CA ARG A 75 25.98 -4.14 -8.14
C ARG A 75 26.62 -3.49 -9.35
N LEU A 76 25.86 -3.39 -10.42
CA LEU A 76 26.31 -2.73 -11.64
C LEU A 76 26.74 -1.29 -11.43
N HIS A 77 26.13 -0.63 -10.46
CA HIS A 77 26.48 0.76 -10.13
C HIS A 77 27.32 0.90 -8.82
N ASP A 78 27.91 -0.19 -8.36
CA ASP A 78 28.81 -0.21 -7.20
C ASP A 78 28.12 0.27 -5.90
N ILE A 79 26.83 -0.04 -5.81
CA ILE A 79 26.05 0.21 -4.59
C ILE A 79 26.11 -1.04 -3.72
N ALA A 80 26.41 -0.83 -2.45
CA ALA A 80 26.56 -1.92 -1.49
C ALA A 80 25.29 -2.77 -1.38
N ALA A 81 25.47 -4.07 -1.32
CA ALA A 81 24.39 -5.01 -1.14
C ALA A 81 23.65 -4.78 0.15
N GLY A 82 24.37 -4.35 1.19
CA GLY A 82 23.76 -4.07 2.49
C GLY A 82 22.77 -2.93 2.49
N GLU A 83 22.92 -2.03 1.53
CA GLU A 83 21.94 -0.96 1.28
C GLU A 83 20.87 -1.45 0.32
N ALA A 84 21.29 -2.06 -0.78
CA ALA A 84 20.35 -2.47 -1.82
C ALA A 84 19.27 -3.45 -1.36
N ILE A 85 19.61 -4.27 -0.35
CA ILE A 85 18.70 -5.28 0.17
C ILE A 85 17.35 -4.63 0.60
N TRP A 86 17.39 -3.40 1.10
CA TRP A 86 16.17 -2.75 1.53
C TRP A 86 15.22 -2.61 0.35
N SER A 87 15.71 -2.07 -0.73
CA SER A 87 14.90 -1.85 -1.94
C SER A 87 14.52 -3.21 -2.56
N ALA A 88 15.40 -4.21 -2.55
CA ALA A 88 15.07 -5.50 -3.09
C ALA A 88 13.92 -6.16 -2.36
N THR A 89 13.98 -6.07 -1.03
CA THR A 89 12.92 -6.60 -0.21
C THR A 89 11.66 -5.80 -0.40
N ALA A 90 11.82 -4.47 -0.53
CA ALA A 90 10.63 -3.61 -0.78
C ALA A 90 9.83 -4.06 -1.98
N ILE A 91 10.50 -4.21 -3.11
CA ILE A 91 9.78 -4.62 -4.29
C ILE A 91 9.18 -6.00 -4.17
N GLU A 92 9.87 -6.93 -3.50
CA GLU A 92 9.28 -8.21 -3.26
C GLU A 92 8.04 -8.18 -2.33
N ALA A 93 8.04 -7.21 -1.42
CA ALA A 93 6.87 -7.00 -0.58
C ALA A 93 5.68 -6.44 -1.38
N LEU A 94 5.98 -5.50 -2.26
CA LEU A 94 4.96 -4.87 -3.14
C LEU A 94 4.37 -5.94 -4.10
N HIS A 95 5.26 -6.70 -4.74
CA HIS A 95 4.83 -7.77 -5.59
C HIS A 95 4.01 -8.78 -4.83
N ALA A 96 4.46 -9.17 -3.64
CA ALA A 96 3.71 -10.13 -2.81
C ALA A 96 2.29 -9.62 -2.50
N TYR A 97 2.20 -8.35 -2.11
CA TYR A 97 0.90 -7.78 -1.82
C TYR A 97 0.00 -7.96 -3.04
N SER A 98 0.50 -7.58 -4.19
CA SER A 98 -0.30 -7.59 -5.40
C SER A 98 -0.85 -9.01 -5.70
N LEU A 99 -0.06 -10.04 -5.40
CA LEU A 99 -0.49 -11.45 -5.60
C LEU A 99 -1.54 -11.85 -4.56
N VAL A 100 -1.38 -11.40 -3.32
CA VAL A 100 -2.34 -11.79 -2.27
C VAL A 100 -3.72 -11.26 -2.73
N HIS A 101 -3.78 -10.00 -3.13
CA HIS A 101 -5.05 -9.45 -3.61
C HIS A 101 -5.54 -10.07 -4.90
N ASP A 102 -4.65 -10.34 -5.84
CA ASP A 102 -5.05 -10.93 -7.11
C ASP A 102 -5.66 -12.31 -6.92
N ASP A 103 -5.17 -13.04 -5.95
CA ASP A 103 -5.58 -14.42 -5.74
C ASP A 103 -6.95 -14.50 -5.07
N LEU A 104 -7.45 -13.41 -4.51
CA LEU A 104 -8.75 -13.41 -3.79
C LEU A 104 -9.89 -13.97 -4.65
N PRO A 105 -10.94 -14.47 -3.95
CA PRO A 105 -12.14 -14.96 -4.62
C PRO A 105 -12.82 -13.95 -5.53
N CYS A 106 -12.85 -12.67 -5.13
CA CYS A 106 -13.45 -11.63 -5.93
C CYS A 106 -12.58 -11.18 -7.09
N MET A 107 -11.32 -11.66 -7.11
CA MET A 107 -10.40 -11.31 -8.17
C MET A 107 -10.17 -12.49 -9.08
N ASP A 108 -9.00 -13.11 -9.04
CA ASP A 108 -8.78 -14.29 -9.87
C ASP A 108 -9.13 -15.63 -9.21
N ASN A 109 -9.36 -15.64 -7.90
CA ASN A 109 -9.87 -16.78 -7.21
C ASN A 109 -8.97 -18.00 -7.40
N ASP A 110 -7.77 -17.92 -6.86
CA ASP A 110 -6.80 -19.00 -6.88
C ASP A 110 -6.55 -19.59 -5.51
N ASP A 111 -6.54 -20.92 -5.45
CA ASP A 111 -6.29 -21.66 -4.22
C ASP A 111 -4.83 -21.92 -3.86
N MET A 112 -3.94 -21.82 -4.86
CA MET A 112 -2.56 -22.16 -4.69
C MET A 112 -1.68 -21.10 -5.36
N ARG A 113 -0.54 -20.84 -4.73
CA ARG A 113 0.46 -19.88 -5.21
C ARG A 113 1.79 -20.38 -4.63
N ARG A 114 2.80 -20.51 -5.49
CA ARG A 114 4.16 -20.90 -5.07
C ARG A 114 4.12 -22.28 -4.40
N GLY A 115 3.20 -23.10 -4.87
CA GLY A 115 3.02 -24.48 -4.44
C GLY A 115 2.35 -24.63 -3.09
N GLN A 116 1.88 -23.52 -2.53
CA GLN A 116 1.23 -23.54 -1.20
C GLN A 116 -0.18 -22.97 -1.27
N PRO A 117 -1.02 -23.25 -0.27
CA PRO A 117 -2.31 -22.58 -0.26
C PRO A 117 -2.17 -21.07 -0.19
N THR A 118 -3.09 -20.40 -0.84
CA THR A 118 -3.10 -18.95 -0.82
C THR A 118 -3.59 -18.48 0.54
N VAL A 119 -3.35 -17.19 0.85
CA VAL A 119 -3.66 -16.68 2.16
C VAL A 119 -5.12 -16.85 2.53
N HIS A 120 -6.03 -16.61 1.59
CA HIS A 120 -7.45 -16.62 1.97
C HIS A 120 -7.94 -18.05 2.19
N LYS A 121 -7.24 -18.99 1.59
CA LYS A 121 -7.48 -20.44 1.83
C LYS A 121 -6.93 -20.92 3.17
N LYS A 122 -5.69 -20.57 3.50
CA LYS A 122 -5.09 -20.95 4.75
C LYS A 122 -5.64 -20.25 5.97
N TRP A 123 -6.04 -19.00 5.79
CA TRP A 123 -6.75 -18.23 6.82
C TRP A 123 -8.15 -17.92 6.29
N ASP A 124 -8.41 -16.71 5.81
CA ASP A 124 -9.72 -16.34 5.34
C ASP A 124 -9.59 -15.02 4.58
N ASP A 125 -10.67 -14.58 3.93
CA ASP A 125 -10.60 -13.45 3.02
C ASP A 125 -10.11 -12.17 3.72
N ALA A 126 -10.65 -11.87 4.89
CA ALA A 126 -10.30 -10.65 5.63
C ALA A 126 -8.81 -10.61 5.91
N THR A 127 -8.26 -11.75 6.30
CA THR A 127 -6.87 -11.83 6.64
C THR A 127 -6.07 -11.53 5.37
N ALA A 128 -6.53 -12.07 4.24
CA ALA A 128 -5.85 -11.85 2.97
C ALA A 128 -5.88 -10.37 2.57
N VAL A 129 -7.05 -9.75 2.71
CA VAL A 129 -7.16 -8.35 2.38
C VAL A 129 -6.15 -7.55 3.23
N LEU A 130 -6.15 -7.82 4.54
CA LEU A 130 -5.34 -7.02 5.44
C LEU A 130 -3.85 -7.33 5.33
N ALA A 131 -3.48 -8.59 5.10
CA ALA A 131 -2.10 -8.92 4.97
C ALA A 131 -1.55 -8.29 3.69
N GLY A 132 -2.35 -8.34 2.62
CA GLY A 132 -1.95 -7.68 1.38
C GLY A 132 -1.77 -6.17 1.64
N ASP A 133 -2.67 -5.57 2.41
CA ASP A 133 -2.62 -4.16 2.68
C ASP A 133 -1.34 -3.81 3.42
N ALA A 134 -1.01 -4.57 4.47
CA ALA A 134 0.17 -4.33 5.24
C ALA A 134 1.46 -4.59 4.50
N LEU A 135 1.43 -5.48 3.52
CA LEU A 135 2.60 -5.71 2.69
C LEU A 135 2.89 -4.53 1.76
N GLN A 136 1.84 -3.92 1.24
CA GLN A 136 2.02 -2.67 0.50
C GLN A 136 2.70 -1.63 1.38
N THR A 137 2.18 -1.45 2.60
CA THR A 137 2.75 -0.48 3.52
C THR A 137 4.23 -0.80 3.79
N LEU A 138 4.50 -2.08 4.01
CA LEU A 138 5.83 -2.52 4.35
C LEU A 138 6.86 -2.22 3.22
N ALA A 139 6.40 -2.33 1.97
CA ALA A 139 7.23 -1.94 0.86
C ALA A 139 7.71 -0.48 0.97
N PHE A 140 6.81 0.44 1.36
CA PHE A 140 7.18 1.85 1.53
C PHE A 140 8.05 2.09 2.81
N GLU A 141 7.83 1.29 3.83
CA GLU A 141 8.70 1.33 5.01
C GLU A 141 10.12 0.96 4.63
N LEU A 142 10.24 -0.09 3.85
CA LEU A 142 11.55 -0.64 3.53
C LEU A 142 12.37 0.29 2.64
N VAL A 143 11.76 0.95 1.66
CA VAL A 143 12.49 1.80 0.79
C VAL A 143 12.86 3.14 1.41
N THR A 144 12.12 3.57 2.45
CA THR A 144 12.38 4.81 3.12
C THR A 144 13.13 4.70 4.42
N HIS A 145 13.36 3.47 4.87
CA HIS A 145 14.22 3.20 6.00
C HIS A 145 15.63 3.79 5.72
N PRO A 146 16.26 4.33 6.74
CA PRO A 146 17.56 4.98 6.45
C PRO A 146 18.64 4.02 5.96
N GLY A 147 18.46 2.74 6.19
CA GLY A 147 19.40 1.74 5.66
C GLY A 147 19.39 1.64 4.16
N ALA A 148 18.32 2.08 3.53
CA ALA A 148 18.17 1.95 2.07
C ALA A 148 19.13 2.80 1.28
N SER A 149 19.53 3.94 1.84
CA SER A 149 20.45 4.87 1.21
C SER A 149 20.87 5.89 2.25
N ALA A 150 22.11 6.39 2.12
CA ALA A 150 22.52 7.56 2.92
C ALA A 150 21.88 8.85 2.44
N SER A 151 21.37 8.88 1.21
CA SER A 151 20.79 10.03 0.64
C SER A 151 19.25 9.96 0.86
N ALA A 152 18.73 10.98 1.53
CA ALA A 152 17.29 11.13 1.65
C ALA A 152 16.63 11.47 0.32
N GLU A 153 17.35 12.16 -0.56
CA GLU A 153 16.83 12.46 -1.89
C GLU A 153 16.60 11.12 -2.66
N VAL A 154 17.54 10.22 -2.50
CA VAL A 154 17.42 8.86 -3.11
C VAL A 154 16.22 8.14 -2.54
N ARG A 155 16.09 8.13 -1.22
CA ARG A 155 14.96 7.39 -0.59
C ARG A 155 13.61 8.00 -1.01
N ALA A 156 13.48 9.30 -0.93
CA ALA A 156 12.22 9.92 -1.34
C ALA A 156 11.88 9.62 -2.79
N ASP A 157 12.88 9.65 -3.68
CA ASP A 157 12.65 9.38 -5.06
C ASP A 157 12.32 7.89 -5.33
N LEU A 158 12.96 6.98 -4.61
CA LEU A 158 12.61 5.55 -4.69
C LEU A 158 11.13 5.39 -4.32
N ALA A 159 10.70 6.05 -3.26
CA ALA A 159 9.31 5.89 -2.80
C ALA A 159 8.28 6.53 -3.76
N LEU A 160 8.61 7.72 -4.26
CA LEU A 160 7.77 8.35 -5.28
C LEU A 160 7.63 7.53 -6.56
N SER A 161 8.77 7.08 -7.10
CA SER A 161 8.75 6.25 -8.25
C SER A 161 8.04 4.91 -7.99
N LEU A 162 8.17 4.35 -6.78
CA LEU A 162 7.50 3.09 -6.47
C LEU A 162 6.00 3.30 -6.44
N ALA A 163 5.58 4.45 -5.91
CA ALA A 163 4.16 4.75 -5.85
C ALA A 163 3.60 4.93 -7.25
N ARG A 164 4.34 5.60 -8.15
CA ARG A 164 3.86 5.75 -9.49
C ARG A 164 3.84 4.42 -10.24
N ALA A 165 4.83 3.57 -10.02
CA ALA A 165 4.84 2.24 -10.64
C ALA A 165 3.67 1.37 -10.18
N SER A 166 3.27 1.55 -8.93
CA SER A 166 2.39 0.61 -8.28
C SER A 166 0.88 0.93 -8.36
N GLY A 167 0.60 2.24 -8.40
CA GLY A 167 -0.73 2.75 -8.22
C GLY A 167 -1.58 2.78 -9.50
N ALA A 168 -2.53 3.69 -9.51
CA ALA A 168 -3.54 3.73 -10.57
C ALA A 168 -3.05 4.31 -11.86
N GLN A 169 -1.74 4.54 -12.00
CA GLN A 169 -1.10 4.76 -13.32
C GLN A 169 -0.20 3.61 -13.75
N GLY A 170 -0.01 2.63 -12.86
CA GLY A 170 0.91 1.52 -13.09
C GLY A 170 0.23 0.21 -12.86
N MET A 171 0.73 -0.53 -11.87
CA MET A 171 0.23 -1.88 -11.63
C MET A 171 -1.29 -1.96 -11.42
N VAL A 172 -1.89 -1.05 -10.63
CA VAL A 172 -3.32 -1.18 -10.32
C VAL A 172 -4.12 -0.76 -11.58
N LEU A 173 -3.59 0.15 -12.39
CA LEU A 173 -4.19 0.44 -13.70
C LEU A 173 -4.26 -0.86 -14.53
N GLY A 174 -3.12 -1.53 -14.60
CA GLY A 174 -3.03 -2.79 -15.32
C GLY A 174 -4.08 -3.76 -14.82
N GLN A 175 -4.20 -3.91 -13.52
CA GLN A 175 -5.22 -4.78 -12.92
C GLN A 175 -6.58 -4.37 -13.35
N ALA A 176 -6.85 -3.07 -13.34
CA ALA A 176 -8.21 -2.61 -13.64
C ALA A 176 -8.56 -2.85 -15.11
N LEU A 177 -7.57 -2.69 -15.98
CA LEU A 177 -7.78 -3.00 -17.41
C LEU A 177 -7.99 -4.48 -17.64
N ASP A 178 -7.33 -5.30 -16.83
CA ASP A 178 -7.40 -6.75 -16.98
C ASP A 178 -8.81 -7.17 -16.62
N ILE A 179 -9.31 -6.63 -15.53
CA ILE A 179 -10.65 -6.96 -15.09
C ILE A 179 -11.69 -6.57 -16.12
N ALA A 180 -11.52 -5.41 -16.72
CA ALA A 180 -12.45 -4.94 -17.75
C ALA A 180 -12.45 -5.90 -18.93
N ALA A 181 -11.25 -6.28 -19.37
CA ALA A 181 -11.11 -7.30 -20.43
C ALA A 181 -11.80 -8.64 -20.07
N GLU A 182 -11.57 -9.17 -18.87
CA GLU A 182 -12.08 -10.51 -18.51
C GLU A 182 -13.61 -10.48 -18.51
N THR A 183 -14.16 -9.37 -18.06
CA THR A 183 -15.60 -9.29 -17.82
C THR A 183 -16.33 -9.33 -19.14
N ALA A 184 -15.77 -8.62 -20.12
CA ALA A 184 -16.28 -8.54 -21.49
C ALA A 184 -15.91 -9.76 -22.34
N ARG A 185 -14.95 -10.57 -21.86
CA ARG A 185 -14.34 -11.65 -22.65
C ARG A 185 -13.86 -11.07 -23.96
N ALA A 186 -13.12 -9.97 -23.82
CA ALA A 186 -12.87 -9.00 -24.87
C ALA A 186 -11.79 -9.51 -25.85
N PRO A 187 -12.05 -9.45 -27.17
CA PRO A 187 -10.95 -9.72 -28.10
C PRO A 187 -10.01 -8.52 -28.20
N LEU A 188 -8.88 -8.58 -27.51
CA LEU A 188 -7.92 -7.48 -27.53
C LEU A 188 -6.95 -7.65 -28.69
N SER A 189 -6.48 -6.52 -29.17
CA SER A 189 -5.40 -6.46 -30.18
C SER A 189 -4.02 -6.61 -29.52
N LEU A 190 -3.00 -6.81 -30.34
CA LEU A 190 -1.66 -6.91 -29.84
C LEU A 190 -1.24 -5.65 -29.12
N ASP A 191 -1.61 -4.47 -29.64
CA ASP A 191 -1.32 -3.21 -28.95
C ASP A 191 -2.03 -3.12 -27.61
N GLU A 192 -3.29 -3.52 -27.56
CA GLU A 192 -4.07 -3.49 -26.30
C GLU A 192 -3.51 -4.45 -25.25
N ILE A 193 -3.09 -5.65 -25.66
CA ILE A 193 -2.51 -6.62 -24.72
C ILE A 193 -1.17 -6.03 -24.23
N THR A 194 -0.46 -5.35 -25.13
CA THR A 194 0.81 -4.72 -24.74
C THR A 194 0.67 -3.60 -23.72
N ARG A 195 -0.31 -2.74 -23.90
CA ARG A 195 -0.55 -1.65 -22.95
C ARG A 195 -0.96 -2.15 -21.58
N LEU A 196 -1.80 -3.17 -21.57
CA LEU A 196 -2.21 -3.81 -20.35
C LEU A 196 -0.97 -4.39 -19.62
N GLN A 197 -0.12 -5.07 -20.38
CA GLN A 197 1.12 -5.73 -19.85
C GLN A 197 2.02 -4.69 -19.25
N GLN A 198 2.12 -3.54 -19.88
CA GLN A 198 3.04 -2.50 -19.42
C GLN A 198 2.67 -2.06 -18.01
N GLY A 199 1.39 -1.99 -17.71
CA GLY A 199 0.93 -1.64 -16.35
C GLY A 199 1.07 -2.82 -15.45
N LYS A 200 0.52 -3.96 -15.88
CA LYS A 200 0.23 -5.06 -15.00
C LYS A 200 1.50 -5.75 -14.53
N THR A 201 2.47 -5.88 -15.42
CA THR A 201 3.73 -6.52 -15.15
C THR A 201 4.97 -5.66 -15.45
N GLY A 202 4.89 -4.80 -16.47
CA GLY A 202 6.06 -4.00 -16.83
C GLY A 202 6.47 -3.01 -15.75
N ALA A 203 5.50 -2.42 -15.09
CA ALA A 203 5.81 -1.29 -14.19
C ALA A 203 6.75 -1.73 -13.05
N LEU A 204 6.45 -2.81 -12.39
CA LEU A 204 7.25 -3.26 -11.22
C LEU A 204 8.62 -3.76 -11.70
N ILE A 205 8.67 -4.46 -12.85
CA ILE A 205 9.97 -4.91 -13.38
C ILE A 205 10.80 -3.70 -13.72
N GLY A 206 10.17 -2.68 -14.29
CA GLY A 206 10.88 -1.46 -14.60
C GLY A 206 11.44 -0.77 -13.39
N TRP A 207 10.65 -0.72 -12.31
CA TRP A 207 11.15 -0.10 -11.10
C TRP A 207 12.34 -0.87 -10.57
N SER A 208 12.27 -2.21 -10.63
CA SER A 208 13.33 -3.08 -10.15
C SER A 208 14.64 -2.90 -10.88
N ALA A 209 14.53 -2.83 -12.21
CA ALA A 209 15.74 -2.66 -13.01
C ALA A 209 16.31 -1.25 -12.90
N GLN A 210 15.47 -0.24 -12.74
CA GLN A 210 15.99 1.12 -12.64
C GLN A 210 16.56 1.36 -11.23
N ALA A 211 16.23 0.50 -10.25
CA ALA A 211 16.58 0.77 -8.85
C ALA A 211 18.07 1.01 -8.62
N GLY A 212 18.92 0.23 -9.27
CA GLY A 212 20.34 0.38 -9.03
C GLY A 212 20.86 1.73 -9.52
N ALA A 213 20.37 2.17 -10.67
CA ALA A 213 20.71 3.49 -11.15
C ALA A 213 20.17 4.58 -10.25
N ARG A 214 18.93 4.46 -9.85
CA ARG A 214 18.38 5.44 -8.93
C ARG A 214 19.20 5.50 -7.61
N LEU A 215 19.66 4.35 -7.09
CA LEU A 215 20.41 4.31 -5.85
C LEU A 215 21.73 5.06 -6.00
N ALA A 216 22.27 5.03 -7.21
CA ALA A 216 23.54 5.67 -7.50
C ALA A 216 23.37 7.08 -8.08
N GLN A 217 22.14 7.58 -8.15
CA GLN A 217 21.86 8.89 -8.77
C GLN A 217 22.41 8.93 -10.21
N ALA A 218 22.25 7.82 -10.95
CA ALA A 218 22.77 7.64 -12.29
C ALA A 218 21.65 7.62 -13.30
N ASP A 219 22.00 7.76 -14.57
CA ASP A 219 21.06 7.79 -15.67
C ASP A 219 20.35 6.42 -15.78
N THR A 220 19.04 6.47 -15.85
CA THR A 220 18.22 5.25 -15.82
C THR A 220 17.83 4.72 -17.21
N ALA A 221 18.13 5.49 -18.25
CA ALA A 221 17.60 5.23 -19.59
C ALA A 221 17.89 3.83 -20.12
N ALA A 222 19.14 3.37 -19.99
CA ALA A 222 19.51 2.04 -20.50
C ALA A 222 18.73 0.95 -19.76
N LEU A 223 18.68 1.09 -18.45
CA LEU A 223 18.03 0.04 -17.67
C LEU A 223 16.50 0.06 -17.85
N LYS A 224 15.95 1.25 -18.09
CA LYS A 224 14.53 1.36 -18.43
C LYS A 224 14.25 0.64 -19.72
N ARG A 225 15.10 0.82 -20.71
CA ARG A 225 14.89 0.16 -22.00
C ARG A 225 15.05 -1.37 -21.87
N TYR A 226 16.09 -1.80 -21.16
CA TYR A 226 16.27 -3.20 -20.80
C TYR A 226 15.01 -3.80 -20.18
N ALA A 227 14.46 -3.11 -19.17
CA ALA A 227 13.32 -3.60 -18.48
C ALA A 227 12.04 -3.66 -19.32
N GLN A 228 11.89 -2.77 -20.29
CA GLN A 228 10.72 -2.77 -21.17
C GLN A 228 10.68 -4.07 -21.95
N ALA A 229 11.83 -4.45 -22.49
CA ALA A 229 11.95 -5.70 -23.22
C ALA A 229 11.87 -6.92 -22.30
N LEU A 230 12.57 -6.87 -21.18
CA LEU A 230 12.56 -7.97 -20.23
C LEU A 230 11.16 -8.26 -19.73
N GLY A 231 10.46 -7.21 -19.39
CA GLY A 231 9.11 -7.32 -18.83
C GLY A 231 8.14 -7.95 -19.83
N LEU A 232 8.25 -7.56 -21.10
CA LEU A 232 7.38 -8.15 -22.12
C LEU A 232 7.74 -9.62 -22.32
N ALA A 233 9.03 -9.92 -22.40
CA ALA A 233 9.49 -11.32 -22.52
C ALA A 233 9.03 -12.15 -21.35
N PHE A 234 9.10 -11.59 -20.15
CA PHE A 234 8.61 -12.28 -18.96
C PHE A 234 7.12 -12.60 -19.08
N GLN A 235 6.31 -11.63 -19.45
CA GLN A 235 4.88 -11.82 -19.52
C GLN A 235 4.52 -12.89 -20.60
N ILE A 236 5.21 -12.85 -21.74
CA ILE A 236 4.93 -13.84 -22.77
C ILE A 236 5.24 -15.20 -22.16
N ALA A 237 6.37 -15.34 -21.48
CA ALA A 237 6.71 -16.57 -20.82
C ALA A 237 5.66 -17.03 -19.83
N ASP A 238 5.11 -16.08 -19.06
CA ASP A 238 4.07 -16.43 -18.10
C ASP A 238 2.81 -16.94 -18.81
N ASP A 239 2.50 -16.30 -19.94
CA ASP A 239 1.34 -16.70 -20.73
C ASP A 239 1.53 -18.10 -21.33
N ILE A 240 2.74 -18.40 -21.72
CA ILE A 240 3.08 -19.70 -22.24
C ILE A 240 2.99 -20.75 -21.15
N LEU A 241 3.48 -20.43 -19.97
CA LEU A 241 3.28 -21.36 -18.83
C LEU A 241 1.83 -21.69 -18.56
N ASP A 242 0.94 -20.72 -18.71
CA ASP A 242 -0.49 -20.99 -18.48
C ASP A 242 -0.95 -22.09 -19.44
N VAL A 243 -0.40 -22.09 -20.64
CA VAL A 243 -0.93 -22.97 -21.71
C VAL A 243 -0.22 -24.32 -21.70
N THR A 244 1.08 -24.34 -21.43
CA THR A 244 1.85 -25.59 -21.59
C THR A 244 2.46 -26.11 -20.29
N GLY A 245 2.37 -25.34 -19.22
CA GLY A 245 3.11 -25.64 -18.00
C GLY A 245 2.40 -26.68 -17.16
N ASP A 246 3.13 -27.12 -16.14
CA ASP A 246 2.68 -28.15 -15.22
C ASP A 246 2.49 -27.45 -13.85
N SER A 247 1.28 -27.53 -13.32
CA SER A 247 0.99 -26.91 -12.01
C SER A 247 1.97 -27.29 -10.88
N ALA A 248 2.59 -28.47 -10.98
CA ALA A 248 3.56 -28.92 -9.98
C ALA A 248 4.84 -28.11 -9.99
N GLN A 249 5.30 -27.72 -11.18
CA GLN A 249 6.49 -26.86 -11.32
C GLN A 249 6.13 -25.40 -11.13
N VAL A 250 4.98 -24.99 -11.69
CA VAL A 250 4.69 -23.56 -11.68
C VAL A 250 4.20 -23.14 -10.33
N GLY A 251 3.58 -24.04 -9.57
CA GLY A 251 3.13 -23.71 -8.23
C GLY A 251 1.78 -23.01 -8.14
N LYS A 252 1.10 -22.92 -9.28
CA LYS A 252 -0.24 -22.33 -9.37
C LYS A 252 -1.00 -23.00 -10.50
N ALA A 253 -2.33 -22.85 -10.50
CA ALA A 253 -3.17 -23.43 -11.54
C ALA A 253 -2.78 -22.92 -12.90
N VAL A 254 -2.94 -23.79 -13.90
CA VAL A 254 -2.69 -23.44 -15.29
C VAL A 254 -3.98 -23.71 -16.09
N GLY A 255 -4.00 -23.31 -17.37
CA GLY A 255 -5.26 -23.30 -18.15
C GLY A 255 -6.26 -22.21 -17.82
N LYS A 256 -5.85 -21.25 -17.00
CA LYS A 256 -6.79 -20.28 -16.47
C LYS A 256 -7.24 -19.25 -17.49
N ASP A 257 -6.34 -18.89 -18.41
CA ASP A 257 -6.48 -17.69 -19.21
C ASP A 257 -7.64 -17.89 -20.24
N ALA A 258 -7.65 -19.03 -20.91
CA ALA A 258 -8.73 -19.33 -21.86
C ALA A 258 -10.11 -19.41 -21.19
N SER A 259 -10.16 -20.12 -20.09
CA SER A 259 -11.39 -20.25 -19.33
C SER A 259 -11.95 -18.89 -18.90
N ALA A 260 -11.06 -17.95 -18.55
CA ALA A 260 -11.48 -16.61 -18.13
C ALA A 260 -11.72 -15.67 -19.31
N GLY A 261 -11.53 -16.15 -20.54
CA GLY A 261 -11.74 -15.31 -21.72
C GLY A 261 -10.76 -14.15 -21.77
N LYS A 262 -9.53 -14.46 -21.37
CA LYS A 262 -8.43 -13.50 -21.40
C LYS A 262 -7.60 -13.67 -22.66
N ALA A 263 -7.59 -12.65 -23.50
CA ALA A 263 -6.64 -12.59 -24.63
C ALA A 263 -5.26 -12.40 -24.07
N THR A 264 -4.32 -13.16 -24.58
CA THR A 264 -2.95 -13.05 -24.10
C THR A 264 -2.05 -13.12 -25.30
N PHE A 265 -0.75 -12.94 -25.11
CA PHE A 265 0.15 -13.07 -26.24
C PHE A 265 0.04 -14.42 -26.92
N VAL A 266 -0.25 -15.44 -26.16
CA VAL A 266 -0.31 -16.80 -26.70
C VAL A 266 -1.63 -17.02 -27.44
N SER A 267 -2.74 -16.56 -26.86
CA SER A 267 -4.03 -16.77 -27.53
C SER A 267 -4.11 -16.02 -28.84
N LEU A 268 -3.51 -14.84 -28.90
CA LEU A 268 -3.46 -14.05 -30.11
C LEU A 268 -2.46 -14.56 -31.13
N LEU A 269 -1.20 -14.68 -30.73
CA LEU A 269 -0.12 -15.00 -31.68
C LEU A 269 0.05 -16.49 -31.95
N GLY A 270 -0.45 -17.35 -31.06
CA GLY A 270 -0.07 -18.75 -31.01
C GLY A 270 1.24 -19.01 -30.30
N LEU A 271 1.45 -20.26 -29.93
CA LEU A 271 2.64 -20.59 -29.16
C LEU A 271 3.92 -20.27 -29.86
N ASP A 272 4.05 -20.74 -31.11
CA ASP A 272 5.32 -20.62 -31.81
C ASP A 272 5.74 -19.19 -32.07
N ALA A 273 4.77 -18.33 -32.39
CA ALA A 273 5.07 -16.95 -32.67
C ALA A 273 5.27 -16.18 -31.35
N ALA A 274 4.55 -16.57 -30.30
CA ALA A 274 4.82 -15.98 -28.97
C ALA A 274 6.25 -16.28 -28.51
N ARG A 275 6.68 -17.53 -28.65
CA ARG A 275 8.04 -17.96 -28.28
C ARG A 275 9.05 -17.17 -29.04
N ALA A 276 8.79 -16.99 -30.34
CA ALA A 276 9.73 -16.33 -31.18
C ALA A 276 9.85 -14.89 -30.77
N ARG A 277 8.71 -14.28 -30.47
CA ARG A 277 8.68 -12.88 -30.05
C ARG A 277 9.48 -12.76 -28.74
N ALA A 278 9.26 -13.68 -27.83
CA ALA A 278 10.02 -13.67 -26.57
C ALA A 278 11.53 -13.78 -26.83
N MET A 279 11.92 -14.58 -27.82
CA MET A 279 13.35 -14.66 -28.17
C MET A 279 13.91 -13.35 -28.75
N SER A 280 13.16 -12.71 -29.63
CA SER A 280 13.53 -11.39 -30.16
C SER A 280 13.73 -10.37 -29.05
N LEU A 281 12.85 -10.43 -28.07
CA LEU A 281 12.94 -9.55 -26.91
C LEU A 281 14.16 -9.79 -26.02
N ILE A 282 14.63 -11.04 -25.89
CA ILE A 282 15.91 -11.35 -25.23
C ILE A 282 16.99 -10.51 -25.90
N ASP A 283 17.03 -10.55 -27.23
CA ASP A 283 18.07 -9.86 -27.95
C ASP A 283 17.97 -8.36 -27.75
N GLU A 284 16.75 -7.81 -27.74
CA GLU A 284 16.55 -6.39 -27.50
C GLU A 284 17.01 -6.03 -26.10
N ALA A 285 16.63 -6.85 -25.16
CA ALA A 285 17.07 -6.58 -23.76
C ALA A 285 18.59 -6.59 -23.66
N CYS A 286 19.24 -7.61 -24.24
CA CYS A 286 20.71 -7.68 -24.21
C CYS A 286 21.33 -6.47 -24.90
N ASP A 287 20.78 -6.08 -26.04
CA ASP A 287 21.25 -4.91 -26.79
C ASP A 287 21.22 -3.62 -25.96
N SER A 288 20.19 -3.44 -25.12
CA SER A 288 19.99 -2.27 -24.30
C SER A 288 21.07 -2.11 -23.24
N LEU A 289 21.79 -3.20 -22.95
CA LEU A 289 22.86 -3.20 -21.96
C LEU A 289 24.25 -2.94 -22.57
N ALA A 290 24.34 -2.68 -23.87
CA ALA A 290 25.64 -2.58 -24.53
C ALA A 290 26.52 -1.49 -23.92
N THR A 291 25.92 -0.39 -23.43
CA THR A 291 26.72 0.69 -22.83
C THR A 291 27.34 0.32 -21.48
N TYR A 292 26.89 -0.78 -20.85
CA TYR A 292 27.50 -1.24 -19.62
C TYR A 292 28.65 -2.22 -19.83
N GLY A 293 28.75 -2.76 -21.04
CA GLY A 293 29.83 -3.70 -21.35
C GLY A 293 29.65 -4.97 -20.54
N ALA A 294 30.75 -5.65 -20.25
CA ALA A 294 30.72 -6.98 -19.65
C ALA A 294 30.20 -7.01 -18.20
N LYS A 295 30.23 -5.86 -17.53
CA LYS A 295 29.78 -5.83 -16.15
C LYS A 295 28.29 -6.20 -16.07
N ALA A 296 27.59 -6.08 -17.18
CA ALA A 296 26.16 -6.41 -17.21
C ALA A 296 25.88 -7.87 -17.59
N ASP A 297 26.89 -8.75 -17.56
CA ASP A 297 26.71 -10.11 -18.00
C ASP A 297 25.64 -10.86 -17.20
N THR A 298 25.56 -10.61 -15.90
CA THR A 298 24.51 -11.28 -15.09
C THR A 298 23.12 -10.85 -15.60
N LEU A 299 22.97 -9.59 -15.92
CA LEU A 299 21.68 -9.07 -16.42
C LEU A 299 21.36 -9.59 -17.83
N ARG A 300 22.40 -9.90 -18.61
CA ARG A 300 22.20 -10.57 -19.89
C ARG A 300 21.66 -12.00 -19.71
N GLU A 301 22.22 -12.73 -18.73
CA GLU A 301 21.75 -14.08 -18.49
C GLU A 301 20.36 -14.10 -17.87
N THR A 302 20.04 -13.02 -17.13
CA THR A 302 18.69 -12.87 -16.57
C THR A 302 17.66 -12.79 -17.68
N ALA A 303 17.99 -12.13 -18.77
CA ALA A 303 17.07 -12.07 -19.91
C ALA A 303 16.82 -13.44 -20.52
N ARG A 304 17.87 -14.25 -20.61
CA ARG A 304 17.67 -15.65 -21.03
C ARG A 304 16.84 -16.47 -20.04
N PHE A 305 17.09 -16.30 -18.75
CA PHE A 305 16.27 -16.94 -17.72
C PHE A 305 14.79 -16.62 -17.79
N VAL A 306 14.46 -15.36 -18.05
CA VAL A 306 13.04 -14.99 -18.02
C VAL A 306 12.21 -15.71 -19.07
N VAL A 307 12.86 -16.09 -20.18
CA VAL A 307 12.19 -16.83 -21.26
C VAL A 307 12.31 -18.36 -21.06
N ARG A 308 13.44 -18.83 -20.57
CA ARG A 308 13.70 -20.26 -20.54
C ARG A 308 13.29 -20.98 -19.24
N ARG A 309 12.92 -20.23 -18.22
CA ARG A 309 12.49 -20.80 -16.95
C ARG A 309 11.30 -21.77 -17.11
N THR A 310 11.19 -22.72 -16.18
CA THR A 310 10.03 -23.63 -16.15
C THR A 310 8.97 -23.27 -15.08
N HIS A 311 9.17 -22.14 -14.42
CA HIS A 311 8.30 -21.73 -13.33
C HIS A 311 8.52 -20.22 -13.21
N SER B 22 -16.01 30.25 15.92
CA SER B 22 -16.34 30.94 14.63
C SER B 22 -15.12 30.89 13.72
N MET B 23 -13.97 31.31 14.24
CA MET B 23 -12.70 31.20 13.53
C MET B 23 -12.28 29.73 13.33
N PHE B 24 -12.53 28.87 14.32
CA PHE B 24 -12.29 27.42 14.16
C PHE B 24 -13.14 26.79 13.03
N THR B 25 -14.41 27.12 13.01
CA THR B 25 -15.37 26.52 12.07
C THR B 25 -14.99 26.95 10.65
N GLN B 26 -14.49 28.18 10.55
CA GLN B 26 -14.14 28.78 9.25
C GLN B 26 -12.91 28.12 8.71
N ARG B 27 -11.94 27.87 9.60
CA ARG B 27 -10.71 27.17 9.24
C ARG B 27 -10.98 25.75 8.81
N LEU B 28 -11.83 25.05 9.55
CA LEU B 28 -12.16 23.68 9.20
C LEU B 28 -12.85 23.59 7.81
N ASP B 29 -13.84 24.47 7.57
CA ASP B 29 -14.50 24.50 6.27
C ASP B 29 -13.51 24.78 5.17
N ALA B 30 -12.60 25.70 5.41
CA ALA B 30 -11.65 26.04 4.36
C ALA B 30 -10.68 24.85 4.12
N ALA B 31 -10.28 24.18 5.19
CA ALA B 31 -9.39 23.00 5.06
C ALA B 31 -10.07 21.90 4.27
N ALA B 32 -11.34 21.64 4.55
CA ALA B 32 -12.07 20.61 3.77
C ALA B 32 -12.08 20.98 2.31
N ALA B 33 -12.34 22.24 2.02
CA ALA B 33 -12.39 22.70 0.64
C ALA B 33 -11.06 22.51 -0.04
N ALA B 34 -10.00 22.83 0.68
CA ALA B 34 -8.66 22.75 0.12
C ALA B 34 -8.28 21.31 -0.17
N VAL B 35 -8.55 20.44 0.78
CA VAL B 35 -8.29 18.97 0.58
C VAL B 35 -9.08 18.45 -0.63
N GLN B 36 -10.34 18.78 -0.74
CA GLN B 36 -11.14 18.33 -1.89
C GLN B 36 -10.58 18.86 -3.20
N ALA B 37 -10.13 20.11 -3.21
CA ALA B 37 -9.58 20.68 -4.41
C ALA B 37 -8.33 19.97 -4.81
N HIS B 38 -7.53 19.58 -3.85
CA HIS B 38 -6.29 18.86 -4.15
C HIS B 38 -6.54 17.46 -4.69
N PHE B 39 -7.53 16.76 -4.12
CA PHE B 39 -7.94 15.46 -4.66
C PHE B 39 -8.43 15.65 -6.12
N ASP B 40 -9.24 16.69 -6.34
CA ASP B 40 -9.82 16.87 -7.69
C ASP B 40 -8.69 17.11 -8.70
N LYS B 41 -7.69 17.90 -8.34
CA LYS B 41 -6.49 18.06 -9.19
C LYS B 41 -5.75 16.78 -9.48
N VAL B 42 -5.32 16.09 -8.44
CA VAL B 42 -4.51 14.93 -8.62
C VAL B 42 -5.26 13.81 -9.34
N LEU B 43 -6.51 13.55 -8.97
CA LEU B 43 -7.22 12.43 -9.55
C LEU B 43 -7.67 12.73 -11.00
N ALA B 44 -7.79 14.02 -11.34
CA ALA B 44 -8.11 14.35 -12.76
C ALA B 44 -6.93 14.05 -13.68
N ALA B 45 -5.73 13.86 -13.15
CA ALA B 45 -4.58 13.41 -13.95
C ALA B 45 -4.58 11.94 -14.33
N PHE B 46 -5.41 11.14 -13.66
CA PHE B 46 -5.46 9.70 -13.92
C PHE B 46 -6.52 9.43 -15.01
N GLU B 47 -6.49 8.25 -15.57
CA GLU B 47 -7.44 7.88 -16.62
C GLU B 47 -8.83 7.74 -16.07
N PRO B 48 -9.82 8.04 -16.90
CA PRO B 48 -11.20 8.08 -16.42
C PRO B 48 -11.85 6.69 -16.39
N LEU B 49 -11.34 5.80 -15.57
CA LEU B 49 -11.79 4.42 -15.47
C LEU B 49 -12.61 4.27 -14.19
N PRO B 50 -13.39 3.19 -14.09
CA PRO B 50 -14.19 3.01 -12.89
C PRO B 50 -13.37 3.05 -11.59
N ILE B 51 -12.18 2.43 -11.59
CA ILE B 51 -11.39 2.39 -10.37
C ILE B 51 -11.05 3.81 -9.90
N VAL B 52 -10.80 4.69 -10.84
CA VAL B 52 -10.46 6.08 -10.51
C VAL B 52 -11.70 6.85 -10.04
N GLU B 53 -12.84 6.56 -10.65
CA GLU B 53 -14.07 7.14 -10.19
C GLU B 53 -14.36 6.68 -8.79
N ALA B 54 -14.07 5.41 -8.51
CA ALA B 54 -14.25 4.88 -7.15
C ALA B 54 -13.27 5.59 -6.17
N MET B 55 -12.03 5.82 -6.62
CA MET B 55 -11.10 6.58 -5.75
C MET B 55 -11.65 7.93 -5.37
N ALA B 56 -12.23 8.63 -6.36
CA ALA B 56 -12.81 9.96 -6.13
C ALA B 56 -14.04 9.88 -5.20
N HIS B 57 -14.90 8.90 -5.41
CA HIS B 57 -16.04 8.66 -4.53
C HIS B 57 -15.58 8.46 -3.07
N ALA B 58 -14.56 7.63 -2.87
CA ALA B 58 -14.13 7.23 -1.52
C ALA B 58 -13.44 8.39 -0.78
N THR B 59 -12.88 9.34 -1.53
CA THR B 59 -12.16 10.49 -0.98
C THR B 59 -12.96 11.77 -0.84
N SER B 60 -14.19 11.76 -1.32
CA SER B 60 -15.11 12.88 -1.17
C SER B 60 -15.76 12.86 0.20
N GLY B 61 -15.99 14.02 0.74
CA GLY B 61 -16.72 14.08 2.00
C GLY B 61 -15.79 13.88 3.19
N GLY B 62 -16.39 13.64 4.32
CA GLY B 62 -15.65 13.39 5.54
C GLY B 62 -15.49 14.70 6.29
N LYS B 63 -15.27 14.60 7.58
CA LYS B 63 -15.00 15.81 8.35
C LYS B 63 -13.64 16.43 8.02
N ARG B 64 -12.74 15.61 7.47
CA ARG B 64 -11.36 16.01 7.28
C ARG B 64 -10.58 16.32 8.57
N LEU B 65 -10.90 15.61 9.64
CA LEU B 65 -10.14 15.79 10.87
C LEU B 65 -8.63 15.59 10.71
N ARG B 66 -8.25 14.49 10.07
CA ARG B 66 -6.86 14.19 9.89
C ARG B 66 -6.15 15.22 9.02
N GLY B 67 -6.73 15.49 7.85
CA GLY B 67 -6.13 16.55 7.03
C GLY B 67 -6.03 17.88 7.75
N PHE B 68 -7.09 18.22 8.48
CA PHE B 68 -7.09 19.46 9.23
C PHE B 68 -5.97 19.51 10.27
N LEU B 69 -5.73 18.39 10.98
CA LEU B 69 -4.63 18.30 11.91
C LEU B 69 -3.28 18.59 11.24
N VAL B 70 -3.06 17.98 10.04
CA VAL B 70 -1.85 18.26 9.32
C VAL B 70 -1.76 19.77 8.99
N LEU B 71 -2.83 20.36 8.46
CA LEU B 71 -2.76 21.77 8.06
C LEU B 71 -2.56 22.68 9.26
N GLU B 72 -3.21 22.37 10.36
CA GLU B 72 -3.11 23.25 11.53
C GLU B 72 -1.82 23.07 12.35
N THR B 73 -1.25 21.83 12.38
CA THR B 73 0.03 21.68 12.99
C THR B 73 1.13 22.27 12.13
N ALA B 74 0.96 22.20 10.81
CA ALA B 74 1.87 22.89 9.91
C ALA B 74 1.81 24.40 10.12
N ARG B 75 0.61 24.94 10.25
CA ARG B 75 0.42 26.43 10.53
C ARG B 75 1.12 26.80 11.85
N LEU B 76 0.99 25.92 12.83
CA LEU B 76 1.61 26.11 14.13
C LEU B 76 3.12 26.25 13.99
N HIS B 77 3.70 25.46 13.07
CA HIS B 77 5.13 25.45 12.89
C HIS B 77 5.59 26.31 11.72
N ASP B 78 4.75 27.23 11.28
CA ASP B 78 5.12 28.21 10.24
C ASP B 78 5.56 27.58 8.93
N ILE B 79 4.91 26.49 8.61
CA ILE B 79 5.02 25.80 7.30
C ILE B 79 3.98 26.29 6.34
N ALA B 80 4.38 26.51 5.10
CA ALA B 80 3.49 27.03 4.12
C ALA B 80 2.33 26.08 3.87
N ALA B 81 1.12 26.62 3.79
CA ALA B 81 -0.08 25.84 3.47
C ALA B 81 0.02 25.10 2.15
N GLY B 82 0.65 25.75 1.18
CA GLY B 82 0.85 25.15 -0.14
C GLY B 82 1.74 23.93 -0.17
N GLU B 83 2.59 23.77 0.84
CA GLU B 83 3.34 22.54 1.07
C GLU B 83 2.52 21.54 1.92
N ALA B 84 1.94 22.03 2.99
CA ALA B 84 1.23 21.16 3.92
C ALA B 84 0.05 20.42 3.27
N ILE B 85 -0.54 20.99 2.24
CA ILE B 85 -1.68 20.35 1.56
C ILE B 85 -1.34 18.94 1.02
N TRP B 86 -0.08 18.71 0.64
CA TRP B 86 0.31 17.43 0.13
C TRP B 86 0.14 16.37 1.19
N SER B 87 0.65 16.68 2.39
CA SER B 87 0.56 15.76 3.53
C SER B 87 -0.85 15.65 4.09
N ALA B 88 -1.63 16.74 3.99
CA ALA B 88 -3.01 16.68 4.46
C ALA B 88 -3.85 15.78 3.55
N THR B 89 -3.62 15.91 2.24
CA THR B 89 -4.32 15.07 1.27
C THR B 89 -3.84 13.61 1.38
N ALA B 90 -2.54 13.44 1.61
CA ALA B 90 -1.98 12.10 1.83
C ALA B 90 -2.69 11.33 2.94
N ILE B 91 -2.80 11.95 4.10
CA ILE B 91 -3.45 11.22 5.21
C ILE B 91 -4.92 10.98 4.95
N GLU B 92 -5.58 11.88 4.21
CA GLU B 92 -6.97 11.65 3.86
C GLU B 92 -7.07 10.50 2.87
N ALA B 93 -6.08 10.34 1.97
CA ALA B 93 -6.09 9.23 1.04
C ALA B 93 -5.86 7.91 1.73
N LEU B 94 -4.95 7.92 2.71
CA LEU B 94 -4.68 6.73 3.54
C LEU B 94 -5.92 6.30 4.37
N HIS B 95 -6.48 7.28 5.08
CA HIS B 95 -7.70 7.04 5.80
C HIS B 95 -8.86 6.55 4.93
N ALA B 96 -9.05 7.16 3.76
CA ALA B 96 -10.08 6.72 2.85
C ALA B 96 -9.88 5.27 2.42
N TYR B 97 -8.63 4.92 2.08
CA TYR B 97 -8.34 3.55 1.70
C TYR B 97 -8.80 2.58 2.79
N SER B 98 -8.44 2.89 4.03
CA SER B 98 -8.72 2.01 5.15
C SER B 98 -10.22 1.79 5.29
N LEU B 99 -11.01 2.84 5.03
CA LEU B 99 -12.48 2.73 5.09
C LEU B 99 -13.03 1.94 3.94
N VAL B 100 -12.45 2.07 2.72
CA VAL B 100 -12.96 1.31 1.61
C VAL B 100 -12.80 -0.20 1.96
N HIS B 101 -11.64 -0.60 2.48
CA HIS B 101 -11.43 -2.01 2.81
C HIS B 101 -12.24 -2.41 4.03
N ASP B 102 -12.39 -1.55 5.00
CA ASP B 102 -13.15 -1.92 6.22
C ASP B 102 -14.60 -2.19 5.90
N ASP B 103 -15.13 -1.52 4.89
CA ASP B 103 -16.55 -1.59 4.61
C ASP B 103 -16.89 -2.89 3.85
N LEU B 104 -15.89 -3.53 3.26
CA LEU B 104 -16.08 -4.75 2.44
C LEU B 104 -16.90 -5.82 3.14
N PRO B 105 -17.62 -6.62 2.34
CA PRO B 105 -18.42 -7.69 2.90
C PRO B 105 -17.68 -8.64 3.83
N CYS B 106 -16.46 -9.01 3.46
CA CYS B 106 -15.64 -9.86 4.30
C CYS B 106 -15.06 -9.15 5.52
N MET B 107 -15.26 -7.83 5.61
CA MET B 107 -14.84 -7.11 6.74
C MET B 107 -16.04 -6.69 7.56
N ASP B 108 -16.36 -5.39 7.62
CA ASP B 108 -17.49 -4.98 8.45
C ASP B 108 -18.80 -4.93 7.65
N ASN B 109 -18.74 -5.05 6.32
CA ASN B 109 -19.94 -5.24 5.52
C ASN B 109 -20.94 -4.10 5.69
N ASP B 110 -20.52 -2.91 5.32
CA ASP B 110 -21.34 -1.71 5.41
C ASP B 110 -21.74 -1.26 4.01
N ASP B 111 -23.02 -0.93 3.86
CA ASP B 111 -23.60 -0.44 2.62
C ASP B 111 -23.49 1.08 2.42
N MET B 112 -23.24 1.84 3.49
CA MET B 112 -23.26 3.30 3.46
C MET B 112 -22.06 3.83 4.29
N ARG B 113 -21.51 4.93 3.78
CA ARG B 113 -20.41 5.65 4.40
C ARG B 113 -20.54 7.10 3.96
N ARG B 114 -20.47 8.05 4.91
CA ARG B 114 -20.56 9.47 4.58
C ARG B 114 -21.86 9.80 3.83
N GLY B 115 -22.89 9.04 4.17
CA GLY B 115 -24.24 9.24 3.59
C GLY B 115 -24.41 8.73 2.16
N GLN B 116 -23.41 8.02 1.63
CA GLN B 116 -23.43 7.55 0.23
C GLN B 116 -23.19 6.06 0.21
N PRO B 117 -23.56 5.38 -0.89
CA PRO B 117 -23.22 3.99 -0.95
C PRO B 117 -21.71 3.77 -0.87
N THR B 118 -21.33 2.62 -0.31
CA THR B 118 -19.90 2.27 -0.25
C THR B 118 -19.42 1.81 -1.61
N VAL B 119 -18.10 1.77 -1.82
CA VAL B 119 -17.61 1.47 -3.14
C VAL B 119 -18.03 0.10 -3.67
N HIS B 120 -18.04 -0.90 -2.80
CA HIS B 120 -18.39 -2.24 -3.28
C HIS B 120 -19.87 -2.29 -3.62
N LYS B 121 -20.66 -1.46 -2.96
CA LYS B 121 -22.11 -1.39 -3.26
C LYS B 121 -22.34 -0.76 -4.61
N LYS B 122 -21.79 0.42 -4.84
CA LYS B 122 -21.93 1.16 -6.06
C LYS B 122 -21.26 0.49 -7.26
N TRP B 123 -20.09 -0.08 -7.03
CA TRP B 123 -19.39 -0.85 -8.05
C TRP B 123 -19.46 -2.31 -7.64
N ASP B 124 -18.33 -2.90 -7.26
CA ASP B 124 -18.27 -4.27 -6.86
C ASP B 124 -17.05 -4.53 -6.01
N ASP B 125 -16.94 -5.73 -5.48
CA ASP B 125 -15.93 -6.00 -4.46
C ASP B 125 -14.53 -5.78 -5.03
N ALA B 126 -14.30 -6.25 -6.24
CA ALA B 126 -12.98 -6.11 -6.87
C ALA B 126 -12.58 -4.64 -7.02
N THR B 127 -13.54 -3.82 -7.41
CA THR B 127 -13.28 -2.41 -7.60
C THR B 127 -12.94 -1.73 -6.25
N ALA B 128 -13.60 -2.19 -5.20
CA ALA B 128 -13.32 -1.70 -3.86
C ALA B 128 -11.93 -2.14 -3.42
N VAL B 129 -11.56 -3.39 -3.69
CA VAL B 129 -10.24 -3.84 -3.27
C VAL B 129 -9.20 -2.98 -3.97
N LEU B 130 -9.35 -2.84 -5.29
CA LEU B 130 -8.33 -2.14 -6.08
C LEU B 130 -8.31 -0.64 -5.81
N ALA B 131 -9.49 -0.01 -5.68
CA ALA B 131 -9.54 1.43 -5.40
C ALA B 131 -8.88 1.70 -4.06
N GLY B 132 -9.17 0.89 -3.06
CA GLY B 132 -8.52 1.02 -1.82
C GLY B 132 -7.03 0.85 -1.96
N ASP B 133 -6.63 -0.18 -2.66
CA ASP B 133 -5.18 -0.40 -2.84
C ASP B 133 -4.52 0.86 -3.43
N ALA B 134 -5.12 1.39 -4.49
CA ALA B 134 -4.50 2.55 -5.20
C ALA B 134 -4.53 3.81 -4.35
N LEU B 135 -5.50 3.95 -3.46
CA LEU B 135 -5.51 5.08 -2.56
C LEU B 135 -4.39 5.01 -1.50
N GLN B 136 -4.10 3.80 -1.01
CA GLN B 136 -2.93 3.65 -0.19
C GLN B 136 -1.67 4.11 -0.93
N THR B 137 -1.54 3.65 -2.19
CA THR B 137 -0.35 4.02 -2.97
C THR B 137 -0.28 5.53 -3.18
N LEU B 138 -1.42 6.14 -3.45
CA LEU B 138 -1.51 7.60 -3.66
C LEU B 138 -1.09 8.37 -2.41
N ALA B 139 -1.40 7.87 -1.21
CA ALA B 139 -0.95 8.53 -0.01
C ALA B 139 0.58 8.72 -0.05
N PHE B 140 1.27 7.64 -0.42
CA PHE B 140 2.73 7.69 -0.45
C PHE B 140 3.26 8.59 -1.59
N GLU B 141 2.55 8.58 -2.72
CA GLU B 141 2.91 9.47 -3.83
C GLU B 141 2.79 10.93 -3.33
N LEU B 142 1.74 11.23 -2.59
CA LEU B 142 1.50 12.62 -2.18
C LEU B 142 2.53 13.14 -1.16
N VAL B 143 2.96 12.30 -0.20
CA VAL B 143 3.94 12.77 0.77
C VAL B 143 5.34 12.84 0.26
N THR B 144 5.66 12.04 -0.79
CA THR B 144 6.97 12.07 -1.35
C THR B 144 7.13 12.99 -2.58
N HIS B 145 6.03 13.53 -3.06
CA HIS B 145 6.07 14.56 -4.10
C HIS B 145 6.85 15.78 -3.65
N PRO B 146 7.76 16.31 -4.51
CA PRO B 146 8.59 17.39 -4.05
C PRO B 146 7.87 18.61 -3.48
N GLY B 147 6.62 18.80 -3.83
CA GLY B 147 5.83 19.89 -3.28
C GLY B 147 5.61 19.76 -1.80
N ALA B 148 5.72 18.56 -1.26
CA ALA B 148 5.41 18.34 0.15
C ALA B 148 6.39 19.02 1.08
N SER B 149 7.63 19.18 0.62
CA SER B 149 8.71 19.83 1.40
C SER B 149 9.90 20.01 0.48
N ALA B 150 10.58 21.14 0.62
CA ALA B 150 11.88 21.31 0.00
C ALA B 150 12.94 20.34 0.48
N SER B 151 12.75 19.77 1.67
CA SER B 151 13.70 18.88 2.27
C SER B 151 13.38 17.44 1.99
N ALA B 152 14.25 16.77 1.25
CA ALA B 152 14.11 15.35 1.06
C ALA B 152 14.17 14.54 2.38
N GLU B 153 14.92 15.02 3.36
CA GLU B 153 14.94 14.43 4.68
C GLU B 153 13.52 14.39 5.25
N VAL B 154 12.84 15.50 5.12
CA VAL B 154 11.48 15.61 5.57
C VAL B 154 10.57 14.63 4.81
N ARG B 155 10.63 14.59 3.49
CA ARG B 155 9.71 13.74 2.73
C ARG B 155 9.95 12.27 3.05
N ALA B 156 11.21 11.86 3.13
CA ALA B 156 11.56 10.49 3.51
C ALA B 156 11.04 10.14 4.89
N ASP B 157 11.12 11.08 5.83
CA ASP B 157 10.67 10.89 7.20
C ASP B 157 9.16 10.82 7.27
N LEU B 158 8.47 11.66 6.51
CA LEU B 158 7.01 11.63 6.49
C LEU B 158 6.56 10.27 5.97
N ALA B 159 7.17 9.78 4.89
CA ALA B 159 6.81 8.51 4.32
C ALA B 159 7.10 7.31 5.26
N LEU B 160 8.28 7.32 5.86
CA LEU B 160 8.65 6.25 6.79
C LEU B 160 7.72 6.20 8.00
N SER B 161 7.45 7.37 8.58
CA SER B 161 6.53 7.41 9.69
C SER B 161 5.10 7.11 9.30
N LEU B 162 4.71 7.47 8.07
CA LEU B 162 3.38 7.10 7.60
C LEU B 162 3.23 5.59 7.46
N ALA B 163 4.26 4.94 6.92
CA ALA B 163 4.21 3.49 6.74
C ALA B 163 4.12 2.81 8.12
N ARG B 164 4.90 3.27 9.08
CA ARG B 164 4.88 2.68 10.42
C ARG B 164 3.58 2.95 11.12
N ALA B 165 2.98 4.11 10.89
CA ALA B 165 1.63 4.34 11.44
C ALA B 165 0.51 3.54 10.80
N SER B 166 0.69 3.16 9.53
CA SER B 166 -0.38 2.61 8.73
C SER B 166 -0.41 1.09 8.60
N GLY B 167 0.74 0.46 8.86
CA GLY B 167 0.96 -0.95 8.59
C GLY B 167 0.67 -1.79 9.80
N ALA B 168 1.34 -2.94 9.84
CA ALA B 168 0.98 -3.99 10.78
C ALA B 168 1.58 -3.77 12.13
N GLN B 169 2.16 -2.58 12.38
CA GLN B 169 2.43 -2.10 13.76
C GLN B 169 1.48 -0.97 14.19
N GLY B 170 0.64 -0.54 13.28
CA GLY B 170 -0.21 0.66 13.51
C GLY B 170 -1.64 0.31 13.11
N MET B 171 -2.14 0.99 12.09
CA MET B 171 -3.56 0.88 11.78
C MET B 171 -3.98 -0.56 11.44
N VAL B 172 -3.20 -1.28 10.65
CA VAL B 172 -3.60 -2.63 10.28
C VAL B 172 -3.49 -3.59 11.50
N LEU B 173 -2.55 -3.32 12.41
CA LEU B 173 -2.48 -4.04 13.68
C LEU B 173 -3.79 -3.85 14.43
N GLY B 174 -4.22 -2.61 14.52
CA GLY B 174 -5.53 -2.31 15.07
C GLY B 174 -6.65 -3.11 14.45
N GLN B 175 -6.70 -3.11 13.13
CA GLN B 175 -7.69 -3.89 12.40
C GLN B 175 -7.60 -5.37 12.72
N ALA B 176 -6.39 -5.88 12.82
CA ALA B 176 -6.20 -7.28 13.18
C ALA B 176 -6.67 -7.60 14.63
N LEU B 177 -6.43 -6.68 15.55
CA LEU B 177 -6.86 -6.87 16.94
C LEU B 177 -8.37 -6.83 17.02
N ASP B 178 -8.98 -6.03 16.17
CA ASP B 178 -10.42 -5.87 16.15
C ASP B 178 -11.04 -7.19 15.70
N ILE B 179 -10.43 -7.82 14.69
CA ILE B 179 -10.84 -9.17 14.24
C ILE B 179 -10.65 -10.27 15.30
N ALA B 180 -9.51 -10.27 15.98
CA ALA B 180 -9.26 -11.20 17.06
C ALA B 180 -10.38 -11.08 18.09
N ALA B 181 -10.73 -9.84 18.43
CA ALA B 181 -11.76 -9.58 19.44
C ALA B 181 -13.10 -10.21 19.05
N GLU B 182 -13.51 -9.98 17.80
CA GLU B 182 -14.78 -10.51 17.26
C GLU B 182 -15.16 -11.88 17.81
N THR B 183 -14.16 -12.74 17.98
CA THR B 183 -14.41 -14.10 18.44
C THR B 183 -13.42 -14.46 19.54
N ALA B 184 -13.14 -13.50 20.40
CA ALA B 184 -12.42 -13.74 21.66
C ALA B 184 -13.35 -14.52 22.59
N ARG B 185 -12.79 -15.37 23.44
CA ARG B 185 -13.59 -16.24 24.32
C ARG B 185 -14.34 -15.39 25.36
N ALA B 186 -13.67 -14.37 25.91
CA ALA B 186 -14.25 -13.41 26.84
C ALA B 186 -14.23 -11.99 26.22
N PRO B 187 -14.97 -11.04 26.85
CA PRO B 187 -14.94 -9.66 26.35
C PRO B 187 -13.66 -8.92 26.77
N LEU B 188 -13.22 -7.97 25.94
CA LEU B 188 -11.93 -7.38 26.17
C LEU B 188 -11.96 -6.53 27.42
N SER B 189 -10.80 -6.40 28.04
CA SER B 189 -10.61 -5.49 29.12
C SER B 189 -10.45 -4.07 28.59
N LEU B 190 -10.47 -3.11 29.50
CA LEU B 190 -10.24 -1.73 29.14
C LEU B 190 -8.84 -1.54 28.55
N ASP B 191 -7.86 -2.21 29.13
CA ASP B 191 -6.50 -2.12 28.65
C ASP B 191 -6.35 -2.69 27.24
N GLU B 192 -7.06 -3.78 26.97
CA GLU B 192 -7.02 -4.40 25.67
C GLU B 192 -7.69 -3.52 24.64
N ILE B 193 -8.86 -2.95 24.96
CA ILE B 193 -9.53 -2.10 23.95
C ILE B 193 -8.73 -0.81 23.79
N THR B 194 -7.97 -0.42 24.78
CA THR B 194 -7.15 0.81 24.65
C THR B 194 -5.97 0.56 23.69
N ARG B 195 -5.34 -0.59 23.82
CA ARG B 195 -4.24 -0.96 22.93
C ARG B 195 -4.75 -1.12 21.49
N LEU B 196 -5.92 -1.75 21.34
CA LEU B 196 -6.63 -1.81 20.07
C LEU B 196 -6.87 -0.40 19.46
N GLN B 197 -7.45 0.48 20.27
CA GLN B 197 -7.69 1.89 19.85
C GLN B 197 -6.40 2.58 19.39
N GLN B 198 -5.32 2.34 20.08
CA GLN B 198 -4.07 3.05 19.78
C GLN B 198 -3.58 2.67 18.38
N GLY B 199 -3.84 1.45 17.96
CA GLY B 199 -3.53 1.07 16.56
C GLY B 199 -4.61 1.52 15.60
N LYS B 200 -5.84 1.16 15.93
CA LYS B 200 -6.92 1.30 14.98
C LYS B 200 -7.28 2.74 14.61
N THR B 201 -7.26 3.63 15.58
CA THR B 201 -7.52 5.05 15.39
C THR B 201 -6.37 5.95 15.84
N GLY B 202 -5.64 5.58 16.87
CA GLY B 202 -4.61 6.46 17.43
C GLY B 202 -3.49 6.74 16.44
N ALA B 203 -3.11 5.71 15.71
CA ALA B 203 -1.88 5.84 14.88
C ALA B 203 -2.02 6.92 13.84
N LEU B 204 -3.11 6.90 13.06
CA LEU B 204 -3.23 7.87 11.96
C LEU B 204 -3.47 9.27 12.53
N ILE B 205 -4.21 9.38 13.61
CA ILE B 205 -4.38 10.68 14.25
C ILE B 205 -3.05 11.20 14.80
N GLY B 206 -2.23 10.31 15.38
CA GLY B 206 -0.89 10.65 15.76
C GLY B 206 0.00 11.15 14.65
N TRP B 207 -0.07 10.46 13.49
CA TRP B 207 0.71 10.93 12.34
C TRP B 207 0.27 12.33 11.92
N SER B 208 -1.05 12.57 11.91
CA SER B 208 -1.60 13.81 11.45
C SER B 208 -1.15 14.97 12.34
N ALA B 209 -1.19 14.75 13.64
CA ALA B 209 -0.84 15.80 14.56
C ALA B 209 0.65 16.06 14.58
N GLN B 210 1.45 15.03 14.43
CA GLN B 210 2.90 15.19 14.46
C GLN B 210 3.38 15.78 13.15
N ALA B 211 2.57 15.72 12.10
CA ALA B 211 3.02 16.15 10.78
C ALA B 211 3.64 17.52 10.77
N GLY B 212 3.03 18.47 11.43
CA GLY B 212 3.54 19.83 11.32
C GLY B 212 4.93 19.92 11.92
N ALA B 213 5.17 19.24 13.05
CA ALA B 213 6.48 19.22 13.65
C ALA B 213 7.49 18.52 12.74
N ARG B 214 7.08 17.42 12.14
CA ARG B 214 7.99 16.74 11.24
C ARG B 214 8.35 17.63 10.05
N LEU B 215 7.36 18.32 9.49
CA LEU B 215 7.57 19.23 8.37
C LEU B 215 8.65 20.27 8.71
N ALA B 216 8.60 20.75 9.95
CA ALA B 216 9.55 21.76 10.43
C ALA B 216 10.82 21.17 11.04
N GLN B 217 11.01 19.85 10.97
CA GLN B 217 12.09 19.16 11.70
C GLN B 217 12.22 19.55 13.16
N ALA B 218 11.05 19.66 13.80
CA ALA B 218 10.93 20.12 15.18
C ALA B 218 10.55 18.99 16.08
N ASP B 219 10.69 19.21 17.38
CA ASP B 219 10.46 18.18 18.35
C ASP B 219 8.98 17.81 18.30
N THR B 220 8.69 16.51 18.21
CA THR B 220 7.30 16.02 18.10
C THR B 220 6.63 15.61 19.42
N ALA B 221 7.33 15.75 20.53
CA ALA B 221 6.86 15.16 21.81
C ALA B 221 5.51 15.72 22.25
N ALA B 222 5.39 17.06 22.23
CA ALA B 222 4.18 17.71 22.70
C ALA B 222 2.95 17.27 21.83
N LEU B 223 3.13 17.24 20.51
CA LEU B 223 2.04 16.93 19.61
C LEU B 223 1.69 15.46 19.65
N LYS B 224 2.70 14.65 19.98
CA LYS B 224 2.48 13.21 20.15
C LYS B 224 1.63 12.97 21.37
N ARG B 225 1.91 13.69 22.44
CA ARG B 225 1.09 13.59 23.65
C ARG B 225 -0.33 14.08 23.39
N TYR B 226 -0.40 15.24 22.73
CA TYR B 226 -1.70 15.79 22.34
C TYR B 226 -2.54 14.77 21.60
N ALA B 227 -1.93 14.12 20.61
CA ALA B 227 -2.64 13.17 19.78
C ALA B 227 -3.06 11.88 20.48
N GLN B 228 -2.28 11.47 21.48
CA GLN B 228 -2.59 10.25 22.26
C GLN B 228 -3.92 10.49 22.96
N ALA B 229 -4.06 11.67 23.54
CA ALA B 229 -5.31 12.03 24.23
C ALA B 229 -6.43 12.27 23.22
N LEU B 230 -6.14 12.99 22.17
CA LEU B 230 -7.18 13.31 21.17
C LEU B 230 -7.75 12.04 20.53
N GLY B 231 -6.85 11.13 20.15
CA GLY B 231 -7.21 9.90 19.50
C GLY B 231 -8.13 9.03 20.36
N LEU B 232 -7.80 8.98 21.67
CA LEU B 232 -8.67 8.22 22.61
C LEU B 232 -10.02 8.91 22.74
N ALA B 233 -10.02 10.23 22.91
CA ALA B 233 -11.29 10.95 23.00
C ALA B 233 -12.15 10.73 21.74
N PHE B 234 -11.50 10.77 20.58
CA PHE B 234 -12.16 10.58 19.29
C PHE B 234 -12.84 9.20 19.23
N GLN B 235 -12.13 8.16 19.65
CA GLN B 235 -12.66 6.83 19.64
C GLN B 235 -13.82 6.68 20.59
N ILE B 236 -13.67 7.26 21.79
CA ILE B 236 -14.79 7.22 22.74
C ILE B 236 -15.98 7.89 22.10
N ALA B 237 -15.77 9.05 21.49
CA ALA B 237 -16.89 9.73 20.80
C ALA B 237 -17.49 8.85 19.67
N ASP B 238 -16.65 8.15 18.91
CA ASP B 238 -17.15 7.33 17.80
C ASP B 238 -17.98 6.17 18.38
N ASP B 239 -17.56 5.62 19.52
CA ASP B 239 -18.32 4.57 20.21
C ASP B 239 -19.63 5.10 20.77
N ILE B 240 -19.60 6.31 21.32
CA ILE B 240 -20.85 6.96 21.73
C ILE B 240 -21.83 7.22 20.53
N LEU B 241 -21.30 7.66 19.40
CA LEU B 241 -22.16 7.85 18.22
C LEU B 241 -22.83 6.55 17.77
N ASP B 242 -22.14 5.42 17.88
CA ASP B 242 -22.72 4.14 17.54
C ASP B 242 -23.95 3.85 18.42
N VAL B 243 -23.94 4.35 19.63
CA VAL B 243 -25.01 4.02 20.58
C VAL B 243 -26.12 5.03 20.58
N THR B 244 -25.81 6.31 20.44
CA THR B 244 -26.81 7.38 20.62
C THR B 244 -27.03 8.19 19.36
N GLY B 245 -26.26 7.92 18.32
CA GLY B 245 -26.31 8.77 17.15
C GLY B 245 -27.40 8.39 16.15
N ASP B 246 -27.61 9.28 15.18
CA ASP B 246 -28.61 9.12 14.14
C ASP B 246 -27.89 8.83 12.82
N SER B 247 -28.20 7.71 12.19
CA SER B 247 -27.51 7.34 10.93
C SER B 247 -27.60 8.43 9.86
N ALA B 248 -28.65 9.25 9.92
CA ALA B 248 -28.83 10.30 8.92
C ALA B 248 -27.78 11.37 9.12
N GLN B 249 -27.42 11.65 10.37
CA GLN B 249 -26.39 12.62 10.70
C GLN B 249 -24.97 12.01 10.66
N VAL B 250 -24.83 10.74 11.04
CA VAL B 250 -23.50 10.12 11.09
C VAL B 250 -23.07 9.58 9.74
N GLY B 251 -24.05 9.29 8.87
CA GLY B 251 -23.76 8.93 7.47
C GLY B 251 -23.36 7.48 7.31
N LYS B 252 -23.47 6.73 8.39
CA LYS B 252 -23.26 5.29 8.39
C LYS B 252 -24.25 4.64 9.37
N ALA B 253 -24.36 3.32 9.29
CA ALA B 253 -25.20 2.57 10.20
C ALA B 253 -24.74 2.75 11.63
N VAL B 254 -25.71 2.82 12.55
CA VAL B 254 -25.43 2.80 13.99
C VAL B 254 -26.06 1.57 14.64
N GLY B 255 -25.77 1.36 15.93
CA GLY B 255 -26.06 0.09 16.62
C GLY B 255 -25.23 -1.13 16.23
N LYS B 256 -24.15 -0.91 15.48
CA LYS B 256 -23.35 -2.03 14.95
C LYS B 256 -22.57 -2.79 16.02
N ASP B 257 -22.08 -2.05 17.01
CA ASP B 257 -21.10 -2.58 17.93
C ASP B 257 -21.77 -3.69 18.76
N ALA B 258 -22.94 -3.40 19.32
CA ALA B 258 -23.71 -4.39 20.09
C ALA B 258 -24.04 -5.63 19.25
N SER B 259 -24.57 -5.40 18.06
CA SER B 259 -24.86 -6.48 17.11
C SER B 259 -23.68 -7.42 16.93
N ALA B 260 -22.47 -6.88 16.91
CA ALA B 260 -21.25 -7.69 16.81
C ALA B 260 -20.73 -8.15 18.19
N GLY B 261 -21.42 -7.80 19.27
CA GLY B 261 -21.01 -8.19 20.63
C GLY B 261 -19.70 -7.59 21.13
N LYS B 262 -19.29 -6.44 20.55
CA LYS B 262 -17.95 -5.86 20.80
C LYS B 262 -17.89 -5.20 22.17
N ALA B 263 -16.79 -5.37 22.88
CA ALA B 263 -16.43 -4.43 23.94
C ALA B 263 -16.06 -3.11 23.26
N THR B 264 -16.61 -2.03 23.80
CA THR B 264 -16.29 -0.68 23.40
C THR B 264 -16.21 0.14 24.66
N PHE B 265 -15.79 1.39 24.54
CA PHE B 265 -15.63 2.20 25.73
C PHE B 265 -16.98 2.38 26.41
N VAL B 266 -18.04 2.44 25.63
CA VAL B 266 -19.39 2.55 26.21
C VAL B 266 -19.81 1.26 26.91
N SER B 267 -19.54 0.09 26.31
CA SER B 267 -19.89 -1.17 26.98
C SER B 267 -19.12 -1.36 28.28
N LEU B 268 -17.83 -1.03 28.28
CA LEU B 268 -17.03 -1.16 29.48
C LEU B 268 -17.30 -0.12 30.56
N LEU B 269 -17.49 1.12 30.17
CA LEU B 269 -17.60 2.21 31.16
C LEU B 269 -19.04 2.62 31.47
N GLY B 270 -19.94 2.36 30.53
CA GLY B 270 -21.21 3.06 30.45
C GLY B 270 -21.11 4.45 29.84
N LEU B 271 -22.22 4.95 29.33
CA LEU B 271 -22.22 6.23 28.65
C LEU B 271 -21.78 7.41 29.50
N ASP B 272 -22.31 7.55 30.71
CA ASP B 272 -21.97 8.73 31.54
C ASP B 272 -20.43 8.82 31.76
N ALA B 273 -19.86 7.69 32.14
CA ALA B 273 -18.44 7.63 32.52
C ALA B 273 -17.60 7.71 31.25
N ALA B 274 -18.08 7.17 30.12
CA ALA B 274 -17.36 7.35 28.86
C ALA B 274 -17.28 8.83 28.46
N ARG B 275 -18.43 9.53 28.50
CA ARG B 275 -18.48 10.94 28.21
C ARG B 275 -17.52 11.69 29.12
N ALA B 276 -17.54 11.35 30.42
CA ALA B 276 -16.70 12.04 31.38
C ALA B 276 -15.22 11.79 31.10
N ARG B 277 -14.87 10.56 30.76
CA ARG B 277 -13.49 10.24 30.41
C ARG B 277 -13.10 11.02 29.17
N ALA B 278 -13.96 11.05 28.17
CA ALA B 278 -13.68 11.87 26.97
C ALA B 278 -13.43 13.35 27.28
N MET B 279 -14.23 13.90 28.22
CA MET B 279 -14.03 15.29 28.65
C MET B 279 -12.68 15.49 29.35
N SER B 280 -12.30 14.56 30.22
CA SER B 280 -10.99 14.62 30.90
C SER B 280 -9.81 14.53 29.90
N LEU B 281 -10.02 13.81 28.79
CA LEU B 281 -9.04 13.72 27.74
C LEU B 281 -8.87 15.03 26.94
N ILE B 282 -9.93 15.82 26.81
CA ILE B 282 -9.86 17.18 26.30
C ILE B 282 -8.88 17.99 27.12
N ASP B 283 -8.99 17.91 28.44
CA ASP B 283 -8.09 18.67 29.29
C ASP B 283 -6.65 18.22 29.10
N GLU B 284 -6.43 16.91 29.00
CA GLU B 284 -5.10 16.39 28.83
C GLU B 284 -4.51 16.83 27.48
N ALA B 285 -5.32 16.74 26.45
CA ALA B 285 -4.88 17.20 25.13
C ALA B 285 -4.49 18.68 25.18
N CYS B 286 -5.32 19.48 25.81
CA CYS B 286 -5.06 20.92 25.88
C CYS B 286 -3.80 21.21 26.72
N ASP B 287 -3.65 20.54 27.84
CA ASP B 287 -2.44 20.73 28.69
C ASP B 287 -1.16 20.39 27.92
N SER B 288 -1.25 19.42 27.01
CA SER B 288 -0.09 19.00 26.22
C SER B 288 0.48 20.08 25.34
N LEU B 289 -0.36 21.05 25.01
CA LEU B 289 -0.04 22.11 24.09
C LEU B 289 0.52 23.35 24.80
N ALA B 290 0.72 23.28 26.11
CA ALA B 290 1.06 24.50 26.82
C ALA B 290 2.31 25.21 26.29
N THR B 291 3.33 24.47 25.84
CA THR B 291 4.57 25.03 25.36
C THR B 291 4.37 25.93 24.17
N TYR B 292 3.26 25.77 23.45
CA TYR B 292 2.99 26.54 22.24
C TYR B 292 2.28 27.85 22.50
N GLY B 293 1.69 27.95 23.69
CA GLY B 293 0.90 29.10 24.00
C GLY B 293 -0.37 29.17 23.19
N ALA B 294 -0.85 30.37 22.94
CA ALA B 294 -2.09 30.55 22.26
C ALA B 294 -2.09 30.30 20.74
N LYS B 295 -0.90 30.15 20.18
CA LYS B 295 -0.78 29.81 18.76
C LYS B 295 -1.39 28.43 18.49
N ALA B 296 -1.54 27.66 19.57
CA ALA B 296 -2.15 26.30 19.46
C ALA B 296 -3.67 26.26 19.74
N ASP B 297 -4.33 27.43 19.78
CA ASP B 297 -5.72 27.44 20.13
C ASP B 297 -6.65 26.68 19.18
N THR B 298 -6.31 26.69 17.90
CA THR B 298 -7.12 25.95 16.92
C THR B 298 -7.04 24.45 17.26
N LEU B 299 -5.87 24.01 17.70
CA LEU B 299 -5.73 22.60 18.15
C LEU B 299 -6.48 22.33 19.46
N ARG B 300 -6.56 23.34 20.33
CA ARG B 300 -7.39 23.18 21.53
C ARG B 300 -8.88 23.03 21.16
N GLU B 301 -9.34 23.81 20.19
CA GLU B 301 -10.75 23.79 19.84
C GLU B 301 -11.03 22.47 19.13
N THR B 302 -10.02 21.95 18.38
CA THR B 302 -10.21 20.70 17.73
C THR B 302 -10.50 19.59 18.73
N ALA B 303 -9.84 19.62 19.88
CA ALA B 303 -10.09 18.64 20.92
C ALA B 303 -11.52 18.75 21.44
N ARG B 304 -12.00 19.98 21.63
CA ARG B 304 -13.38 20.10 22.02
C ARG B 304 -14.33 19.57 20.95
N PHE B 305 -14.04 19.85 19.69
CA PHE B 305 -14.84 19.37 18.58
C PHE B 305 -14.93 17.85 18.55
N VAL B 306 -13.79 17.21 18.75
CA VAL B 306 -13.76 15.74 18.63
C VAL B 306 -14.74 15.04 19.57
N VAL B 307 -15.04 15.69 20.68
CA VAL B 307 -15.96 15.16 21.67
C VAL B 307 -17.39 15.64 21.43
N ARG B 308 -17.56 16.94 21.11
CA ARG B 308 -18.90 17.56 20.89
C ARG B 308 -19.65 16.99 19.69
N ARG B 309 -18.89 16.64 18.65
CA ARG B 309 -19.44 16.50 17.28
C ARG B 309 -20.65 15.55 17.21
N THR B 310 -21.54 15.82 16.25
CA THR B 310 -22.73 14.98 16.04
C THR B 310 -22.51 13.92 14.95
N HIS B 311 -21.32 13.88 14.36
CA HIS B 311 -21.03 12.97 13.27
C HIS B 311 -19.51 12.84 13.15
C1 IPE C . 3.72 -13.79 -10.99
O1 IPE C . 5.10 -13.31 -10.98
C2 IPE C . 2.81 -12.59 -11.29
C3 IPE C . 3.14 -11.96 -12.60
C4 IPE C . 3.45 -10.68 -12.71
C5 IPE C . 3.05 -12.78 -13.85
PA IPE C . 6.35 -14.31 -10.81
O1A IPE C . 6.24 -15.43 -11.85
O2A IPE C . 7.61 -13.51 -10.84
O3A IPE C . 6.08 -14.91 -9.38
PB IPE C . 7.04 -15.40 -8.15
O1B IPE C . 6.24 -16.48 -7.50
O2B IPE C . 8.33 -15.90 -8.75
O3B IPE C . 7.21 -14.16 -7.31
C1 IPE D . -1.10 -10.78 -12.21
O1 IPE D . -1.00 -11.33 -13.54
C2 IPE D . -0.21 -9.55 -12.15
C3 IPE D . -0.49 -8.76 -10.90
C4 IPE D . -0.34 -7.46 -10.89
C5 IPE D . -0.94 -9.46 -9.65
PA IPE D . -1.40 -12.84 -13.66
O1A IPE D . -1.03 -13.27 -15.06
O2A IPE D . -2.79 -13.00 -13.10
O3A IPE D . -0.41 -13.54 -12.66
PB IPE D . -0.57 -15.08 -12.21
O1B IPE D . -1.78 -15.10 -11.27
O2B IPE D . -0.82 -15.83 -13.51
O3B IPE D . 0.72 -15.41 -11.51
CA CA E . -0.59 -15.68 -15.75
CA CA F . -3.81 -14.09 -11.40
CA CA G . -6.59 -11.43 -13.85
C1 IPE H . -14.13 6.93 10.83
O1 IPE H . -13.38 8.13 11.02
C2 IPE H . -13.26 5.69 11.01
C3 IPE H . -12.63 5.64 12.37
C4 IPE H . -11.33 5.66 12.42
C5 IPE H . -13.43 5.56 13.64
PA IPE H . -14.03 9.61 10.90
O1A IPE H . -12.94 10.61 11.04
O2A IPE H . -15.28 9.65 11.78
O3A IPE H . -14.62 9.56 9.38
PB IPE H . -14.78 10.72 8.22
O1B IPE H . -15.95 10.28 7.41
O2B IPE H . -13.53 10.59 7.40
O3B IPE H . -15.00 12.01 8.92
C1 IPE I . -12.58 1.54 11.73
O1 IPE I . -13.19 1.57 13.03
C2 IPE I . -11.14 1.88 11.84
C3 IPE I . -10.44 1.72 10.51
C4 IPE I . -9.13 1.74 10.51
C5 IPE I . -11.22 1.64 9.23
PA IPE I . -14.75 1.47 13.01
O1A IPE I . -15.15 0.19 12.34
O2A IPE I . -15.30 1.76 14.45
O3A IPE I . -15.10 2.75 12.10
PB IPE I . -16.60 2.99 11.56
O1B IPE I . -17.47 2.82 12.83
O2B IPE I . -16.80 1.87 10.58
O3B IPE I . -16.55 4.36 10.97
CA CA J . -16.32 -0.33 10.47
CA CA K . -17.42 2.80 15.05
CA CA L . -14.37 -3.92 12.70
#